data_4F46
#
_entry.id   4F46
#
_cell.length_a   41.848
_cell.length_b   53.683
_cell.length_c   63.380
_cell.angle_alpha   110.350
_cell.angle_beta   91.420
_cell.angle_gamma   94.530
#
_symmetry.space_group_name_H-M   'P 1'
#
loop_
_entity.id
_entity.type
_entity.pdbx_description
1 polymer 'ADP-ribosyl cyclase 1'
2 non-polymer '[[(2R,3R,4R,5R)-5-(6-aminopurin-9-yl)-3-oxidanyl-4-phosphonooxy-oxolan-2-yl]methoxy-oxidanyl-phosphoryl] [(2R,3S,4R,5S)-3,4,5-tris(oxidanyl)oxolan-2-yl]methyl hydrogen phosphate'
3 non-polymer '[[(2R,3R,4R,5R)-5-(6-aminopurin-9-yl)-3-oxidanyl-4-phosphonooxy-oxolan-2-yl]methoxy-oxidanyl-phosphoryl] [(2R,3S,4R,5R)-5-(3-carboxypyridin-1-ium-1-yl)-3,4-bis(oxidanyl)oxolan-2-yl]methyl phosphate'
4 water water
#
_entity_poly.entity_id   1
_entity_poly.type   'polypeptide(L)'
_entity_poly.pdbx_seq_one_letter_code
;EFWRQTWSGPGTTKRFPETVLARCVKYTEIHPEMRHVDCQSVWDAFKGAFISKHPCDITEEDYQPLMKLGTQTVPCNKIL
LWSRIKDLAHQFTQVQRDMFTLEDTLLGYLADDLTWCGEFDTSKINYQSCPDWRKDCSNNPVSVFWKTVSRRFAEAACDV
VHVMLDGSRSKIFDKDSTFGSVEVHNLQPEKVQTLEAWVIHGGREDSRDLCQDPTIKELESIISKRNIQFSCKNIYRPDK
FLQCVKNPEDSSCTSEI
;
_entity_poly.pdbx_strand_id   A,B
#
# COMPACT_ATOMS: atom_id res chain seq x y z
N GLU A 1 10.68 -23.87 0.71
CA GLU A 1 11.81 -23.90 -0.27
C GLU A 1 11.29 -23.54 -1.68
N PHE A 2 11.75 -24.28 -2.69
CA PHE A 2 11.54 -23.91 -4.11
C PHE A 2 10.09 -23.93 -4.61
N TRP A 3 9.18 -24.55 -3.86
CA TRP A 3 7.75 -24.60 -4.22
C TRP A 3 6.96 -23.41 -3.72
N ARG A 4 7.59 -22.55 -2.92
CA ARG A 4 6.90 -21.39 -2.33
C ARG A 4 7.30 -20.13 -3.08
N GLN A 5 6.31 -19.40 -3.59
CA GLN A 5 6.59 -18.12 -4.23
C GLN A 5 6.60 -16.98 -3.21
N THR A 6 7.44 -16.01 -3.47
CA THR A 6 7.64 -14.89 -2.55
C THR A 6 6.41 -13.98 -2.48
N TRP A 7 5.80 -13.71 -3.64
CA TRP A 7 4.76 -12.69 -3.77
C TRP A 7 3.52 -13.21 -4.41
N SER A 8 2.44 -12.43 -4.31
CA SER A 8 1.12 -12.83 -4.82
C SER A 8 0.86 -12.43 -6.25
N GLY A 9 1.64 -11.49 -6.78
CA GLY A 9 1.40 -10.94 -8.10
C GLY A 9 2.22 -11.66 -9.15
N PRO A 10 1.92 -11.42 -10.43
CA PRO A 10 2.76 -11.95 -11.51
C PRO A 10 4.21 -11.51 -11.39
N GLY A 11 5.12 -12.35 -11.85
CA GLY A 11 6.53 -12.00 -11.81
C GLY A 11 6.93 -11.12 -12.98
N THR A 12 8.22 -10.88 -13.09
CA THR A 12 8.75 -10.05 -14.16
C THR A 12 8.42 -10.68 -15.51
N THR A 13 7.99 -9.84 -16.44
CA THR A 13 7.72 -10.27 -17.79
C THR A 13 8.92 -10.97 -18.40
N LYS A 14 8.69 -12.09 -19.08
CA LYS A 14 9.83 -12.83 -19.64
C LYS A 14 10.65 -11.92 -20.58
N ARG A 15 11.97 -12.07 -20.49
CA ARG A 15 12.94 -11.32 -21.32
C ARG A 15 12.76 -9.82 -21.14
N PHE A 16 12.45 -9.41 -19.91
CA PHE A 16 12.20 -8.00 -19.60
C PHE A 16 13.37 -7.10 -20.06
N PRO A 17 14.63 -7.46 -19.75
CA PRO A 17 15.75 -6.61 -20.19
C PRO A 17 15.84 -6.43 -21.69
N GLU A 18 15.74 -7.53 -22.44
CA GLU A 18 15.75 -7.46 -23.89
C GLU A 18 14.56 -6.66 -24.42
N THR A 19 13.39 -6.82 -23.81
CA THR A 19 12.18 -6.13 -24.25
C THR A 19 12.28 -4.62 -24.04
N VAL A 20 12.78 -4.21 -22.88
CA VAL A 20 12.91 -2.78 -22.59
C VAL A 20 13.94 -2.15 -23.53
N LEU A 21 15.06 -2.79 -23.71
CA LEU A 21 16.06 -2.30 -24.69
C LEU A 21 15.49 -2.19 -26.11
N ALA A 22 14.81 -3.24 -26.58
CA ALA A 22 14.25 -3.27 -27.92
C ALA A 22 13.19 -2.18 -28.10
N ARG A 23 12.39 -1.96 -27.05
CA ARG A 23 11.36 -0.91 -27.10
C ARG A 23 11.99 0.47 -27.20
N CYS A 24 13.06 0.68 -26.45
CA CYS A 24 13.78 1.94 -26.49
C CYS A 24 14.30 2.21 -27.92
N VAL A 25 14.97 1.21 -28.50
CA VAL A 25 15.47 1.33 -29.86
C VAL A 25 14.33 1.64 -30.83
N LYS A 26 13.22 0.91 -30.72
CA LYS A 26 12.09 1.11 -31.62
C LYS A 26 11.51 2.51 -31.43
N TYR A 27 11.34 2.92 -30.18
CA TYR A 27 10.77 4.24 -29.90
C TYR A 27 11.59 5.34 -30.57
N THR A 28 12.92 5.26 -30.43
CA THR A 28 13.81 6.24 -31.01
C THR A 28 13.78 6.22 -32.55
N GLU A 29 13.35 5.11 -33.15
CA GLU A 29 13.17 5.04 -34.61
C GLU A 29 11.86 5.71 -35.03
N ILE A 30 10.78 5.42 -34.31
CA ILE A 30 9.47 6.00 -34.59
C ILE A 30 9.46 7.50 -34.27
N HIS A 31 10.18 7.90 -33.22
CA HIS A 31 10.21 9.29 -32.76
C HIS A 31 11.61 9.80 -32.78
N PRO A 32 12.10 10.21 -33.96
CA PRO A 32 13.48 10.70 -34.15
C PRO A 32 13.89 11.83 -33.20
N GLU A 33 12.93 12.58 -32.68
CA GLU A 33 13.21 13.61 -31.68
C GLU A 33 13.62 13.11 -30.28
N MET A 34 13.56 11.80 -30.05
CA MET A 34 14.10 11.21 -28.84
C MET A 34 15.34 10.35 -29.11
N ARG A 35 15.84 10.48 -30.33
CA ARG A 35 16.98 9.73 -30.81
C ARG A 35 18.28 10.01 -30.04
N HIS A 36 18.34 11.14 -29.35
CA HIS A 36 19.52 11.50 -28.54
C HIS A 36 19.73 10.55 -27.38
N VAL A 37 18.68 9.85 -26.95
CA VAL A 37 18.76 8.89 -25.86
C VAL A 37 19.73 7.74 -26.15
N ASP A 38 20.49 7.33 -25.14
CA ASP A 38 21.37 6.17 -25.21
C ASP A 38 20.59 5.04 -24.57
N CYS A 39 20.12 4.09 -25.38
CA CYS A 39 19.17 3.10 -24.86
C CYS A 39 19.80 2.19 -23.80
N GLN A 40 21.09 1.88 -23.95
CA GLN A 40 21.80 1.10 -22.94
C GLN A 40 21.83 1.87 -21.61
N SER A 41 22.08 3.17 -21.66
CA SER A 41 22.06 3.99 -20.44
C SER A 41 20.67 4.04 -19.82
N VAL A 42 19.64 4.13 -20.66
CA VAL A 42 18.25 4.10 -20.18
C VAL A 42 17.98 2.79 -19.45
N TRP A 43 18.35 1.67 -20.07
CA TRP A 43 18.19 0.37 -19.41
C TRP A 43 18.95 0.30 -18.11
N ASP A 44 20.20 0.77 -18.10
CA ASP A 44 21.02 0.75 -16.87
C ASP A 44 20.35 1.53 -15.74
N ALA A 45 19.76 2.68 -16.06
CA ALA A 45 19.07 3.51 -15.07
C ALA A 45 17.80 2.84 -14.56
N PHE A 46 17.08 2.19 -15.47
CA PHE A 46 15.83 1.50 -15.16
C PHE A 46 16.17 0.36 -14.18
N LYS A 47 17.09 -0.52 -14.58
CA LYS A 47 17.56 -1.64 -13.75
C LYS A 47 18.02 -1.15 -12.38
N GLY A 48 18.78 -0.05 -12.39
CA GLY A 48 19.32 0.54 -11.18
C GLY A 48 18.29 0.97 -10.14
N ALA A 49 17.09 1.32 -10.58
CA ALA A 49 15.98 1.77 -9.73
C ALA A 49 15.49 0.67 -8.81
N PHE A 50 15.62 -0.59 -9.24
CA PHE A 50 15.00 -1.67 -8.47
C PHE A 50 15.85 -2.91 -8.22
N ILE A 51 16.91 -3.14 -8.99
CA ILE A 51 17.73 -4.34 -8.74
C ILE A 51 18.39 -4.28 -7.37
N SER A 52 18.33 -5.40 -6.66
CA SER A 52 18.94 -5.53 -5.33
C SER A 52 18.16 -4.83 -4.22
N LYS A 53 17.08 -4.15 -4.55
CA LYS A 53 16.26 -3.47 -3.55
C LYS A 53 15.09 -4.33 -3.14
N HIS A 54 14.71 -4.24 -1.88
CA HIS A 54 13.50 -4.90 -1.44
C HIS A 54 12.34 -4.33 -2.21
N PRO A 55 11.55 -5.20 -2.88
CA PRO A 55 10.49 -4.67 -3.73
C PRO A 55 9.26 -4.10 -3.01
N CYS A 56 9.30 -3.94 -1.69
CA CYS A 56 8.30 -3.15 -1.00
C CYS A 56 8.86 -1.82 -0.54
N ASP A 57 10.12 -1.54 -0.86
CA ASP A 57 10.83 -0.35 -0.35
C ASP A 57 11.29 0.60 -1.43
N ILE A 58 10.67 0.50 -2.60
CA ILE A 58 11.07 1.35 -3.73
C ILE A 58 10.52 2.76 -3.50
N THR A 59 11.29 3.76 -3.89
CA THR A 59 10.91 5.15 -3.69
C THR A 59 10.88 5.85 -5.04
N GLU A 60 10.23 7.01 -5.10
CA GLU A 60 10.28 7.81 -6.32
C GLU A 60 11.72 8.24 -6.63
N GLU A 61 12.51 8.52 -5.59
CA GLU A 61 13.92 8.88 -5.79
C GLU A 61 14.72 7.78 -6.50
N ASP A 62 14.36 6.52 -6.28
CA ASP A 62 15.00 5.40 -7.00
C ASP A 62 14.91 5.54 -8.54
N TYR A 63 13.83 6.14 -9.01
CA TYR A 63 13.58 6.27 -10.45
C TYR A 63 14.08 7.61 -11.01
N GLN A 64 14.65 8.48 -10.18
CA GLN A 64 15.05 9.79 -10.67
CA GLN A 64 15.11 9.80 -10.62
C GLN A 64 16.10 9.72 -11.78
N PRO A 65 17.13 8.85 -11.67
CA PRO A 65 18.06 8.73 -12.81
C PRO A 65 17.40 8.38 -14.15
N LEU A 66 16.43 7.46 -14.11
CA LEU A 66 15.66 7.11 -15.29
C LEU A 66 14.80 8.27 -15.78
N MET A 67 14.15 8.97 -14.85
CA MET A 67 13.32 10.12 -15.21
C MET A 67 14.17 11.16 -15.94
N LYS A 68 15.38 11.40 -15.46
CA LYS A 68 16.28 12.36 -16.09
CA LYS A 68 16.27 12.37 -16.08
C LYS A 68 16.62 11.95 -17.52
N LEU A 69 17.02 10.70 -17.70
CA LEU A 69 17.37 10.22 -19.06
C LEU A 69 16.17 10.24 -20.01
N GLY A 70 14.99 9.99 -19.48
CA GLY A 70 13.78 9.94 -20.30
C GLY A 70 13.04 11.28 -20.41
N THR A 71 13.67 12.37 -19.98
CA THR A 71 13.06 13.71 -20.11
C THR A 71 12.54 13.93 -21.52
N GLN A 72 11.28 14.34 -21.61
CA GLN A 72 10.64 14.50 -22.92
C GLN A 72 9.55 15.56 -22.82
N THR A 73 9.64 16.54 -23.69
CA THR A 73 8.61 17.55 -23.82
C THR A 73 7.62 17.06 -24.87
N VAL A 74 6.37 16.86 -24.47
CA VAL A 74 5.29 16.68 -25.43
C VAL A 74 4.39 17.91 -25.32
N PRO A 75 3.64 18.20 -26.39
CA PRO A 75 2.80 19.41 -26.34
C PRO A 75 1.84 19.33 -25.15
N CYS A 76 2.00 20.25 -24.20
CA CYS A 76 1.26 20.17 -22.94
C CYS A 76 -0.25 20.28 -23.09
N ASN A 77 -0.69 20.85 -24.20
CA ASN A 77 -2.12 21.04 -24.48
C ASN A 77 -2.78 19.89 -25.23
N LYS A 78 -2.04 18.79 -25.41
CA LYS A 78 -2.48 17.69 -26.24
C LYS A 78 -2.43 16.36 -25.47
N ILE A 79 -2.69 16.44 -24.16
CA ILE A 79 -2.56 15.27 -23.28
C ILE A 79 -3.90 14.58 -23.08
N LEU A 80 -3.87 13.24 -23.20
CA LEU A 80 -5.01 12.39 -22.92
C LEU A 80 -4.66 11.49 -21.75
N LEU A 81 -5.34 11.70 -20.64
CA LEU A 81 -5.24 10.81 -19.50
C LEU A 81 -6.32 9.75 -19.66
N TRP A 82 -6.20 8.66 -18.91
CA TRP A 82 -7.24 7.63 -18.93
C TRP A 82 -7.28 6.85 -17.65
N SER A 83 -8.38 6.18 -17.40
CA SER A 83 -8.48 5.31 -16.25
C SER A 83 -9.26 4.06 -16.64
N ARG A 84 -8.61 2.91 -16.49
CA ARG A 84 -9.22 1.60 -16.70
C ARG A 84 -9.86 1.41 -18.08
N ILE A 85 -9.29 2.05 -19.10
CA ILE A 85 -9.79 1.98 -20.47
C ILE A 85 -8.64 2.21 -21.46
N LYS A 86 -7.56 1.48 -21.20
CA LYS A 86 -6.29 1.61 -21.91
C LYS A 86 -6.41 1.42 -23.42
N ASP A 87 -7.09 0.35 -23.82
CA ASP A 87 -7.12 -0.03 -25.25
C ASP A 87 -7.72 1.07 -26.11
N LEU A 88 -8.86 1.61 -25.70
CA LEU A 88 -9.51 2.66 -26.48
C LEU A 88 -8.72 3.98 -26.48
N ALA A 89 -8.08 4.31 -25.35
CA ALA A 89 -7.26 5.52 -25.28
C ALA A 89 -6.10 5.43 -26.27
N HIS A 90 -5.47 4.25 -26.33
CA HIS A 90 -4.35 4.06 -27.24
C HIS A 90 -4.79 3.98 -28.68
N GLN A 91 -5.92 3.34 -28.94
CA GLN A 91 -6.46 3.32 -30.29
C GLN A 91 -6.70 4.74 -30.79
N PHE A 92 -7.20 5.61 -29.90
CA PHE A 92 -7.46 7.01 -30.23
C PHE A 92 -6.20 7.77 -30.65
N THR A 93 -5.14 7.67 -29.84
CA THR A 93 -3.90 8.39 -30.15
C THR A 93 -3.11 7.75 -31.30
N GLN A 94 -3.42 6.50 -31.66
CA GLN A 94 -2.84 5.91 -32.87
C GLN A 94 -3.38 6.55 -34.14
N VAL A 95 -4.63 7.00 -34.08
CA VAL A 95 -5.29 7.69 -35.18
C VAL A 95 -5.06 9.20 -35.11
N GLN A 96 -5.32 9.75 -33.93
CA GLN A 96 -5.16 11.17 -33.66
C GLN A 96 -3.74 11.42 -33.14
N ARG A 97 -2.77 11.44 -34.06
CA ARG A 97 -1.36 11.36 -33.70
C ARG A 97 -0.79 12.64 -33.09
N ASP A 98 -1.59 13.69 -33.00
CA ASP A 98 -1.17 14.92 -32.34
C ASP A 98 -1.53 14.93 -30.85
N MET A 99 -2.15 13.86 -30.37
CA MET A 99 -2.45 13.73 -28.93
C MET A 99 -1.69 12.57 -28.33
N PHE A 100 -1.41 12.68 -27.04
CA PHE A 100 -0.49 11.77 -26.39
C PHE A 100 -1.05 11.25 -25.09
N THR A 101 -1.04 9.93 -24.91
CA THR A 101 -1.14 9.35 -23.59
C THR A 101 0.27 9.20 -23.06
N LEU A 102 0.37 8.87 -21.79
CA LEU A 102 1.66 8.64 -21.13
C LEU A 102 2.42 7.52 -21.84
N GLU A 103 1.69 6.55 -22.38
CA GLU A 103 2.32 5.42 -23.05
C GLU A 103 2.82 5.74 -24.47
N ASP A 104 2.56 6.97 -24.92
CA ASP A 104 3.08 7.46 -26.18
C ASP A 104 4.40 8.22 -25.97
N THR A 105 4.79 8.42 -24.70
CA THR A 105 6.09 8.99 -24.33
C THR A 105 7.08 7.85 -24.21
N LEU A 106 8.37 8.13 -24.30
CA LEU A 106 9.38 7.08 -24.20
C LEU A 106 9.22 6.25 -22.94
N LEU A 107 9.17 6.89 -21.77
CA LEU A 107 9.14 6.12 -20.52
C LEU A 107 7.89 5.26 -20.40
N GLY A 108 6.74 5.80 -20.79
CA GLY A 108 5.50 5.03 -20.72
C GLY A 108 5.47 3.88 -21.72
N TYR A 109 6.03 4.13 -22.89
CA TYR A 109 6.15 3.10 -23.93
C TYR A 109 7.03 1.97 -23.50
N LEU A 110 8.13 2.28 -22.80
CA LEU A 110 9.04 1.23 -22.34
C LEU A 110 8.33 0.26 -21.40
N ALA A 111 7.49 0.80 -20.52
CA ALA A 111 6.94 0.04 -19.38
C ALA A 111 5.56 -0.54 -19.62
N ASP A 112 4.88 -0.07 -20.67
CA ASP A 112 3.48 -0.41 -20.87
C ASP A 112 3.26 -1.92 -20.91
N ASP A 113 2.34 -2.40 -20.07
CA ASP A 113 1.97 -3.82 -20.02
C ASP A 113 3.04 -4.75 -19.41
N LEU A 114 4.12 -4.21 -18.89
CA LEU A 114 5.15 -5.05 -18.28
C LEU A 114 5.08 -5.04 -16.77
N THR A 115 5.68 -6.07 -16.19
CA THR A 115 5.83 -6.20 -14.75
C THR A 115 7.30 -6.48 -14.50
N TRP A 116 7.84 -5.97 -13.40
CA TRP A 116 9.22 -6.24 -13.00
C TRP A 116 9.42 -6.08 -11.51
N CYS A 117 10.38 -6.81 -10.98
CA CYS A 117 10.85 -6.61 -9.61
C CYS A 117 12.16 -7.35 -9.43
N GLY A 118 12.93 -6.91 -8.44
CA GLY A 118 14.17 -7.55 -8.04
C GLY A 118 13.98 -8.36 -6.78
N GLU A 119 15.10 -8.73 -6.18
CA GLU A 119 15.14 -9.52 -4.96
C GLU A 119 16.08 -8.78 -4.02
N PHE A 120 15.71 -8.70 -2.76
CA PHE A 120 16.54 -8.00 -1.81
C PHE A 120 17.95 -8.57 -1.73
N ASP A 121 18.95 -7.70 -1.89
CA ASP A 121 20.37 -8.04 -1.72
C ASP A 121 20.90 -9.14 -2.67
N THR A 122 20.22 -9.37 -3.80
CA THR A 122 20.79 -10.12 -4.91
C THR A 122 20.73 -9.29 -6.18
N SER A 123 21.48 -9.70 -7.19
CA SER A 123 21.47 -9.00 -8.47
C SER A 123 20.39 -9.50 -9.44
N LYS A 124 19.53 -10.40 -8.98
CA LYS A 124 18.62 -11.13 -9.89
C LYS A 124 17.27 -10.47 -10.05
N ILE A 125 16.73 -10.61 -11.24
CA ILE A 125 15.35 -10.24 -11.52
C ILE A 125 14.45 -11.40 -11.10
N ASN A 126 13.33 -11.07 -10.45
CA ASN A 126 12.40 -12.11 -10.00
C ASN A 126 11.39 -12.40 -11.11
N TYR A 127 11.59 -13.52 -11.81
CA TYR A 127 10.69 -13.90 -12.88
C TYR A 127 9.54 -14.79 -12.43
N GLN A 128 9.47 -15.07 -11.14
CA GLN A 128 8.44 -15.96 -10.60
C GLN A 128 7.23 -15.22 -10.07
N SER A 129 7.47 -14.20 -9.26
CA SER A 129 6.39 -13.41 -8.68
C SER A 129 6.90 -12.02 -8.29
N CYS A 130 5.99 -11.04 -8.25
CA CYS A 130 6.25 -9.68 -7.77
C CYS A 130 5.12 -9.21 -6.89
N PRO A 131 5.37 -8.16 -6.07
CA PRO A 131 4.30 -7.80 -5.13
C PRO A 131 2.99 -7.39 -5.78
N ASP A 132 1.89 -7.92 -5.27
CA ASP A 132 0.57 -7.41 -5.59
C ASP A 132 0.34 -6.13 -4.80
N TRP A 133 -0.12 -5.07 -5.48
CA TRP A 133 -0.31 -3.76 -4.86
C TRP A 133 -1.23 -3.77 -3.66
N ARG A 134 -2.26 -4.61 -3.71
CA ARG A 134 -3.25 -4.70 -2.63
C ARG A 134 -2.86 -5.71 -1.55
N LYS A 135 -2.48 -6.91 -1.97
CA LYS A 135 -2.28 -8.04 -1.05
C LYS A 135 -0.91 -8.02 -0.38
N ASP A 136 0.08 -7.47 -1.08
CA ASP A 136 1.47 -7.47 -0.60
C ASP A 136 1.88 -6.09 -0.14
N CYS A 137 2.18 -5.19 -1.07
CA CYS A 137 2.66 -3.87 -0.70
C CYS A 137 2.56 -2.88 -1.84
N SER A 138 2.32 -1.62 -1.50
CA SER A 138 2.09 -0.59 -2.53
C SER A 138 3.37 0.02 -3.05
N ASN A 139 4.46 0.03 -2.30
CA ASN A 139 5.67 0.67 -2.81
C ASN A 139 6.55 -0.32 -3.56
N ASN A 140 5.98 -0.90 -4.62
CA ASN A 140 6.68 -1.91 -5.36
C ASN A 140 7.23 -1.30 -6.66
N PRO A 141 8.13 -2.02 -7.35
CA PRO A 141 8.81 -1.38 -8.49
C PRO A 141 7.87 -0.85 -9.57
N VAL A 142 6.83 -1.60 -9.91
CA VAL A 142 5.89 -1.19 -10.94
C VAL A 142 5.01 -0.03 -10.48
N SER A 143 4.38 -0.16 -9.30
CA SER A 143 3.48 0.88 -8.82
C SER A 143 4.19 2.21 -8.64
N VAL A 144 5.41 2.16 -8.09
CA VAL A 144 6.16 3.40 -7.83
C VAL A 144 6.61 4.03 -9.15
N PHE A 145 6.97 3.20 -10.13
CA PHE A 145 7.31 3.73 -11.46
C PHE A 145 6.13 4.53 -12.00
N TRP A 146 4.95 3.92 -12.05
CA TRP A 146 3.81 4.62 -12.63
C TRP A 146 3.42 5.85 -11.86
N LYS A 147 3.50 5.78 -10.53
CA LYS A 147 3.26 6.95 -9.70
C LYS A 147 4.20 8.11 -10.07
N THR A 148 5.49 7.79 -10.23
CA THR A 148 6.51 8.82 -10.47
C THR A 148 6.34 9.48 -11.83
N VAL A 149 6.18 8.66 -12.85
CA VAL A 149 6.09 9.16 -14.22
CA VAL A 149 6.07 9.15 -14.24
C VAL A 149 4.74 9.86 -14.45
N SER A 150 3.69 9.36 -13.78
CA SER A 150 2.35 9.95 -13.93
C SER A 150 2.26 11.30 -13.26
N ARG A 151 2.90 11.44 -12.10
CA ARG A 151 2.96 12.73 -11.41
C ARG A 151 3.60 13.77 -12.32
N ARG A 152 4.75 13.43 -12.89
CA ARG A 152 5.48 14.34 -13.76
C ARG A 152 4.68 14.72 -15.01
N PHE A 153 4.01 13.74 -15.59
CA PHE A 153 3.16 13.92 -16.78
C PHE A 153 2.01 14.86 -16.48
N ALA A 154 1.31 14.62 -15.36
CA ALA A 154 0.22 15.48 -14.95
C ALA A 154 0.67 16.91 -14.63
N GLU A 155 1.85 17.03 -14.00
CA GLU A 155 2.41 18.34 -13.64
C GLU A 155 2.77 19.18 -14.87
N ALA A 156 3.02 18.51 -16.00
CA ALA A 156 3.43 19.18 -17.23
C ALA A 156 2.24 19.58 -18.08
N ALA A 157 1.07 19.02 -17.79
CA ALA A 157 -0.12 19.24 -18.61
C ALA A 157 -0.61 20.67 -18.51
N CYS A 158 -1.21 21.15 -19.59
CA CYS A 158 -1.67 22.52 -19.62
C CYS A 158 -2.95 22.65 -20.44
N ASP A 159 -3.56 23.82 -20.34
CA ASP A 159 -4.70 24.20 -21.15
C ASP A 159 -5.88 23.26 -20.92
N VAL A 160 -6.38 22.58 -21.96
CA VAL A 160 -7.43 21.59 -21.78
C VAL A 160 -6.83 20.18 -21.75
N VAL A 161 -7.01 19.51 -20.64
CA VAL A 161 -6.56 18.12 -20.47
C VAL A 161 -7.79 17.25 -20.61
N HIS A 162 -7.68 16.16 -21.37
CA HIS A 162 -8.83 15.24 -21.54
C HIS A 162 -8.55 13.97 -20.79
N VAL A 163 -9.61 13.35 -20.27
CA VAL A 163 -9.48 12.05 -19.64
C VAL A 163 -10.60 11.13 -20.14
N MET A 164 -10.21 9.94 -20.58
CA MET A 164 -11.14 8.93 -21.02
C MET A 164 -11.44 8.03 -19.82
N LEU A 165 -12.72 7.81 -19.57
CA LEU A 165 -13.17 6.95 -18.48
C LEU A 165 -14.12 5.87 -19.02
N ASP A 166 -14.14 4.74 -18.34
CA ASP A 166 -14.94 3.61 -18.75
C ASP A 166 -16.29 3.65 -18.04
N GLY A 167 -17.32 4.04 -18.78
CA GLY A 167 -18.67 4.16 -18.25
C GLY A 167 -19.37 2.85 -17.95
N SER A 168 -18.71 1.73 -18.22
CA SER A 168 -19.25 0.41 -17.90
C SER A 168 -18.74 -0.18 -16.57
N ARG A 169 -17.86 0.54 -15.87
CA ARG A 169 -17.34 0.08 -14.58
C ARG A 169 -18.22 0.58 -13.43
N SER A 170 -18.20 -0.17 -12.32
CA SER A 170 -18.97 0.20 -11.13
C SER A 170 -18.49 1.51 -10.52
N LYS A 171 -17.22 1.83 -10.71
CA LYS A 171 -16.66 3.13 -10.32
C LYS A 171 -16.08 3.80 -11.55
N ILE A 172 -16.88 4.65 -12.21
CA ILE A 172 -16.42 5.29 -13.45
C ILE A 172 -15.18 6.14 -13.17
N PHE A 173 -15.26 6.97 -12.14
CA PHE A 173 -14.08 7.58 -11.54
C PHE A 173 -13.80 6.86 -10.22
N ASP A 174 -12.58 6.33 -10.10
CA ASP A 174 -12.11 5.67 -8.87
C ASP A 174 -10.96 6.49 -8.29
N LYS A 175 -11.14 6.98 -7.06
CA LYS A 175 -10.21 7.91 -6.46
C LYS A 175 -8.87 7.25 -6.06
N ASP A 176 -8.86 5.92 -5.96
CA ASP A 176 -7.65 5.19 -5.56
C ASP A 176 -6.83 4.66 -6.75
N SER A 177 -7.23 4.99 -7.97
CA SER A 177 -6.47 4.63 -9.17
C SER A 177 -5.33 5.61 -9.35
N THR A 178 -4.40 5.30 -10.27
CA THR A 178 -3.31 6.22 -10.58
C THR A 178 -3.86 7.56 -11.07
N PHE A 179 -4.86 7.52 -11.96
CA PHE A 179 -5.51 8.75 -12.39
C PHE A 179 -6.09 9.52 -11.21
N GLY A 180 -6.88 8.84 -10.39
CA GLY A 180 -7.54 9.47 -9.24
C GLY A 180 -6.64 9.91 -8.10
N SER A 181 -5.59 9.14 -7.82
CA SER A 181 -4.75 9.36 -6.63
C SER A 181 -3.50 10.18 -6.86
N VAL A 182 -2.99 10.17 -8.10
CA VAL A 182 -1.78 10.88 -8.44
C VAL A 182 -2.04 11.98 -9.46
N GLU A 183 -2.74 11.67 -10.55
CA GLU A 183 -2.80 12.61 -11.66
C GLU A 183 -3.73 13.80 -11.37
N VAL A 184 -4.92 13.53 -10.89
CA VAL A 184 -5.90 14.60 -10.61
C VAL A 184 -5.33 15.64 -9.66
N HIS A 185 -4.63 15.18 -8.64
CA HIS A 185 -4.11 16.08 -7.62
C HIS A 185 -2.82 16.76 -8.01
N ASN A 186 -2.31 16.49 -9.20
CA ASN A 186 -1.11 17.17 -9.71
C ASN A 186 -1.36 17.98 -10.97
N LEU A 187 -2.62 18.14 -11.34
CA LEU A 187 -2.97 19.12 -12.39
C LEU A 187 -2.90 20.49 -11.77
N GLN A 188 -2.13 21.38 -12.39
CA GLN A 188 -1.82 22.67 -11.78
C GLN A 188 -2.71 23.74 -12.36
N PRO A 189 -3.46 24.47 -11.51
CA PRO A 189 -4.40 25.47 -12.06
C PRO A 189 -3.72 26.66 -12.75
N GLU A 190 -2.43 26.86 -12.47
CA GLU A 190 -1.64 27.90 -13.16
C GLU A 190 -1.37 27.53 -14.63
N LYS A 191 -1.52 26.26 -14.97
CA LYS A 191 -1.28 25.75 -16.32
C LYS A 191 -2.54 25.18 -16.95
N VAL A 192 -3.33 24.45 -16.16
CA VAL A 192 -4.52 23.77 -16.65
C VAL A 192 -5.78 24.59 -16.46
N GLN A 193 -6.46 24.86 -17.57
CA GLN A 193 -7.71 25.62 -17.54
C GLN A 193 -8.90 24.70 -17.31
N THR A 194 -8.90 23.55 -17.97
CA THR A 194 -10.06 22.65 -17.97
C THR A 194 -9.63 21.19 -17.97
N LEU A 195 -10.35 20.35 -17.21
CA LEU A 195 -10.28 18.91 -17.37
C LEU A 195 -11.61 18.49 -17.98
N GLU A 196 -11.54 17.87 -19.15
CA GLU A 196 -12.73 17.38 -19.83
C GLU A 196 -12.70 15.87 -19.85
N ALA A 197 -13.73 15.28 -19.27
CA ALA A 197 -13.87 13.84 -19.25
C ALA A 197 -14.72 13.35 -20.42
N TRP A 198 -14.27 12.25 -21.02
CA TRP A 198 -15.05 11.54 -22.03
C TRP A 198 -15.42 10.24 -21.44
N VAL A 199 -16.71 10.02 -21.20
CA VAL A 199 -17.17 8.81 -20.55
C VAL A 199 -17.66 7.85 -21.63
N ILE A 200 -16.94 6.74 -21.77
CA ILE A 200 -17.17 5.79 -22.84
C ILE A 200 -18.25 4.81 -22.42
N HIS A 201 -19.33 4.76 -23.19
CA HIS A 201 -20.38 3.78 -22.98
C HIS A 201 -20.04 2.48 -23.61
N GLY A 202 -20.51 1.40 -22.99
CA GLY A 202 -20.32 0.06 -23.52
C GLY A 202 -21.61 -0.50 -24.11
N GLY A 203 -21.47 -1.43 -25.05
CA GLY A 203 -22.60 -2.13 -25.62
C GLY A 203 -23.67 -1.21 -26.17
N ARG A 204 -24.93 -1.50 -25.85
CA ARG A 204 -26.05 -0.66 -26.29
C ARG A 204 -26.57 0.21 -25.14
N GLU A 205 -25.79 0.34 -24.09
CA GLU A 205 -26.16 1.13 -22.93
C GLU A 205 -25.89 2.61 -23.21
N ASP A 206 -26.88 3.26 -23.84
CA ASP A 206 -26.80 4.66 -24.26
C ASP A 206 -27.96 5.51 -23.72
N SER A 207 -28.64 5.02 -22.68
CA SER A 207 -29.86 5.67 -22.21
C SER A 207 -29.64 6.65 -21.07
N ARG A 208 -28.43 6.69 -20.52
CA ARG A 208 -28.11 7.58 -19.39
C ARG A 208 -26.99 8.57 -19.67
N ASP A 209 -27.12 9.77 -19.12
CA ASP A 209 -26.07 10.77 -19.12
C ASP A 209 -25.12 10.44 -17.97
N LEU A 210 -24.05 9.73 -18.27
CA LEU A 210 -23.15 9.25 -17.22
C LEU A 210 -22.34 10.37 -16.58
N CYS A 211 -22.39 11.58 -17.18
CA CYS A 211 -21.79 12.73 -16.55
C CYS A 211 -22.50 13.13 -15.24
N GLN A 212 -23.68 12.54 -15.01
CA GLN A 212 -24.41 12.70 -13.75
C GLN A 212 -24.14 11.59 -12.75
N ASP A 213 -23.30 10.62 -13.11
CA ASP A 213 -22.93 9.55 -12.18
C ASP A 213 -22.30 10.15 -10.92
N PRO A 214 -22.60 9.59 -9.73
CA PRO A 214 -22.03 10.14 -8.50
C PRO A 214 -20.50 10.23 -8.47
N THR A 215 -19.82 9.30 -9.14
CA THR A 215 -18.35 9.33 -9.13
C THR A 215 -17.83 10.44 -10.04
N ILE A 216 -18.61 10.82 -11.04
CA ILE A 216 -18.26 11.97 -11.88
C ILE A 216 -18.53 13.26 -11.13
N LYS A 217 -19.61 13.30 -10.34
CA LYS A 217 -19.83 14.45 -9.46
C LYS A 217 -18.67 14.61 -8.48
N GLU A 218 -18.16 13.49 -7.98
CA GLU A 218 -17.02 13.50 -7.06
C GLU A 218 -15.78 14.06 -7.75
N LEU A 219 -15.49 13.54 -8.94
CA LEU A 219 -14.39 14.04 -9.75
C LEU A 219 -14.55 15.53 -10.00
N GLU A 220 -15.76 15.95 -10.38
CA GLU A 220 -16.07 17.37 -10.61
C GLU A 220 -15.74 18.23 -9.37
N SER A 221 -16.09 17.73 -8.19
CA SER A 221 -15.83 18.45 -6.94
C SER A 221 -14.34 18.59 -6.69
N ILE A 222 -13.60 17.51 -6.92
CA ILE A 222 -12.16 17.51 -6.69
C ILE A 222 -11.48 18.54 -7.58
N ILE A 223 -11.87 18.55 -8.85
CA ILE A 223 -11.30 19.47 -9.84
C ILE A 223 -11.68 20.92 -9.52
N SER A 224 -12.93 21.15 -9.13
CA SER A 224 -13.39 22.51 -8.79
C SER A 224 -12.59 23.09 -7.62
N LYS A 225 -12.30 22.24 -6.65
CA LYS A 225 -11.51 22.65 -5.48
C LYS A 225 -10.06 22.97 -5.83
N ARG A 226 -9.58 22.49 -6.98
CA ARG A 226 -8.25 22.87 -7.50
C ARG A 226 -8.30 24.11 -8.40
N ASN A 227 -9.48 24.74 -8.50
CA ASN A 227 -9.68 25.92 -9.34
C ASN A 227 -9.46 25.61 -10.81
N ILE A 228 -9.94 24.45 -11.24
CA ILE A 228 -9.88 24.02 -12.64
C ILE A 228 -11.31 23.76 -13.10
N GLN A 229 -11.64 24.21 -14.32
CA GLN A 229 -12.97 24.01 -14.87
C GLN A 229 -13.15 22.54 -15.19
N PHE A 230 -14.37 22.03 -15.00
CA PHE A 230 -14.69 20.66 -15.35
C PHE A 230 -15.70 20.63 -16.49
N SER A 231 -15.46 19.72 -17.43
CA SER A 231 -16.37 19.49 -18.55
C SER A 231 -16.50 17.98 -18.71
N CYS A 232 -17.67 17.53 -19.15
CA CYS A 232 -17.88 16.11 -19.32
C CYS A 232 -18.73 15.82 -20.57
N LYS A 233 -18.30 14.85 -21.37
CA LYS A 233 -19.03 14.40 -22.55
C LYS A 233 -19.28 12.90 -22.46
N ASN A 234 -20.43 12.47 -22.98
CA ASN A 234 -20.72 11.06 -23.18
C ASN A 234 -20.28 10.64 -24.57
N ILE A 235 -19.59 9.52 -24.68
CA ILE A 235 -19.35 8.89 -25.97
C ILE A 235 -20.22 7.64 -26.02
N TYR A 236 -21.39 7.79 -26.64
CA TYR A 236 -22.37 6.70 -26.64
C TYR A 236 -21.97 5.57 -27.60
N ARG A 237 -21.32 5.94 -28.69
CA ARG A 237 -20.94 4.99 -29.74
C ARG A 237 -19.42 5.04 -30.00
N PRO A 238 -18.64 4.36 -29.15
CA PRO A 238 -17.18 4.42 -29.30
C PRO A 238 -16.70 3.80 -30.61
N ASP A 239 -17.47 2.89 -31.17
CA ASP A 239 -17.16 2.32 -32.48
C ASP A 239 -17.23 3.41 -33.56
N LYS A 240 -18.32 4.15 -33.58
CA LYS A 240 -18.51 5.22 -34.55
C LYS A 240 -17.59 6.40 -34.25
N PHE A 241 -17.38 6.67 -32.97
CA PHE A 241 -16.44 7.70 -32.54
C PHE A 241 -15.06 7.48 -33.21
N LEU A 242 -14.48 6.31 -33.00
CA LEU A 242 -13.16 5.98 -33.57
C LEU A 242 -13.13 6.08 -35.10
N GLN A 243 -14.19 5.62 -35.75
CA GLN A 243 -14.30 5.71 -37.21
C GLN A 243 -14.29 7.17 -37.66
N CYS A 244 -15.01 8.02 -36.93
CA CYS A 244 -15.04 9.46 -37.19
C CYS A 244 -13.70 10.14 -36.94
N VAL A 245 -13.00 9.70 -35.89
CA VAL A 245 -11.64 10.20 -35.62
C VAL A 245 -10.70 9.81 -36.77
N LYS A 246 -10.88 8.61 -37.34
CA LYS A 246 -10.15 8.21 -38.53
C LYS A 246 -10.62 8.94 -39.78
N ASN A 247 -11.95 9.01 -39.98
CA ASN A 247 -12.54 9.60 -41.18
C ASN A 247 -13.52 10.73 -40.84
N PRO A 248 -12.98 11.91 -40.47
CA PRO A 248 -13.84 13.01 -39.98
C PRO A 248 -14.52 13.81 -41.09
N PHE B 2 -24.60 -28.83 10.90
CA PHE B 2 -23.91 -28.57 12.20
C PHE B 2 -22.66 -29.43 12.38
N TRP B 3 -22.57 -30.52 11.62
CA TRP B 3 -21.47 -31.48 11.73
C TRP B 3 -20.25 -31.10 10.95
N ARG B 4 -20.38 -30.07 10.11
CA ARG B 4 -19.25 -29.54 9.36
C ARG B 4 -19.29 -28.02 9.39
N GLN B 5 -18.11 -27.43 9.25
CA GLN B 5 -17.94 -25.99 9.32
C GLN B 5 -17.40 -25.53 7.96
N THR B 6 -17.79 -24.33 7.55
CA THR B 6 -17.37 -23.80 6.25
C THR B 6 -15.85 -23.61 6.20
N TRP B 7 -15.29 -23.06 7.28
CA TRP B 7 -13.91 -22.62 7.29
C TRP B 7 -13.05 -23.42 8.23
N SER B 8 -11.75 -23.23 8.13
CA SER B 8 -10.77 -23.94 8.97
C SER B 8 -10.46 -23.27 10.30
N GLY B 9 -10.66 -21.95 10.39
CA GLY B 9 -10.27 -21.21 11.59
C GLY B 9 -11.40 -21.13 12.62
N PRO B 10 -11.05 -20.78 13.88
CA PRO B 10 -12.08 -20.55 14.90
C PRO B 10 -13.09 -19.49 14.44
N GLY B 11 -14.35 -19.67 14.81
CA GLY B 11 -15.42 -18.73 14.46
C GLY B 11 -15.37 -17.49 15.32
N THR B 12 -16.36 -16.61 15.12
CA THR B 12 -16.41 -15.34 15.85
C THR B 12 -16.45 -15.58 17.35
N THR B 13 -15.72 -14.76 18.10
CA THR B 13 -15.68 -14.85 19.56
C THR B 13 -17.08 -14.68 20.13
N LYS B 14 -17.41 -15.48 21.14
CA LYS B 14 -18.76 -15.40 21.72
C LYS B 14 -19.04 -13.98 22.23
N ARG B 15 -20.25 -13.50 21.97
CA ARG B 15 -20.69 -12.15 22.39
C ARG B 15 -19.75 -11.06 21.86
N PHE B 16 -19.30 -11.23 20.63
CA PHE B 16 -18.34 -10.32 20.03
C PHE B 16 -18.86 -8.86 20.06
N PRO B 17 -20.12 -8.63 19.64
CA PRO B 17 -20.66 -7.27 19.67
C PRO B 17 -20.62 -6.61 21.05
N GLU B 18 -21.06 -7.32 22.08
CA GLU B 18 -21.04 -6.79 23.45
C GLU B 18 -19.61 -6.56 23.96
N THR B 19 -18.69 -7.45 23.60
CA THR B 19 -17.30 -7.36 24.06
C THR B 19 -16.59 -6.16 23.48
N VAL B 20 -16.73 -5.94 22.18
CA VAL B 20 -16.15 -4.79 21.52
C VAL B 20 -16.72 -3.47 22.10
N LEU B 21 -18.05 -3.43 22.24
CA LEU B 21 -18.70 -2.25 22.81
C LEU B 21 -18.16 -1.99 24.23
N ALA B 22 -18.10 -3.04 25.05
CA ALA B 22 -17.62 -2.90 26.44
C ALA B 22 -16.16 -2.43 26.53
N ARG B 23 -15.32 -2.99 25.66
CA ARG B 23 -13.92 -2.58 25.60
C ARG B 23 -13.77 -1.12 25.20
N CYS B 24 -14.62 -0.68 24.26
CA CYS B 24 -14.59 0.70 23.81
C CYS B 24 -15.02 1.63 24.95
N VAL B 25 -16.10 1.28 25.65
CA VAL B 25 -16.53 2.07 26.80
C VAL B 25 -15.41 2.16 27.85
N LYS B 26 -14.77 1.03 28.15
CA LYS B 26 -13.72 1.00 29.17
C LYS B 26 -12.52 1.87 28.75
N TYR B 27 -12.08 1.67 27.52
CA TYR B 27 -10.94 2.41 26.99
C TYR B 27 -11.20 3.92 26.99
N THR B 28 -12.40 4.31 26.53
CA THR B 28 -12.71 5.72 26.32
C THR B 28 -12.99 6.47 27.61
N GLU B 29 -13.35 5.76 28.69
CA GLU B 29 -13.47 6.41 29.99
C GLU B 29 -12.12 6.50 30.71
N ILE B 30 -11.20 5.59 30.43
CA ILE B 30 -9.86 5.62 31.03
C ILE B 30 -8.94 6.65 30.36
N HIS B 31 -8.96 6.69 29.03
CA HIS B 31 -8.05 7.54 28.28
C HIS B 31 -8.72 8.84 27.92
N PRO B 32 -8.31 9.95 28.57
CA PRO B 32 -9.06 11.20 28.45
C PRO B 32 -9.21 11.76 27.04
N GLU B 33 -8.21 11.52 26.19
CA GLU B 33 -8.21 12.02 24.82
C GLU B 33 -9.27 11.34 23.95
N MET B 34 -9.71 10.15 24.36
CA MET B 34 -10.77 9.43 23.64
C MET B 34 -12.17 9.61 24.24
N ARG B 35 -12.37 10.70 24.99
CA ARG B 35 -13.68 11.00 25.58
C ARG B 35 -14.72 11.40 24.54
N HIS B 36 -14.26 11.91 23.39
CA HIS B 36 -15.15 12.34 22.29
C HIS B 36 -15.77 11.19 21.53
N VAL B 37 -15.24 9.98 21.71
CA VAL B 37 -15.63 8.84 20.90
C VAL B 37 -17.01 8.31 21.27
N ASP B 38 -17.84 8.10 20.26
CA ASP B 38 -19.15 7.49 20.43
C ASP B 38 -18.93 6.00 20.19
N CYS B 39 -19.05 5.20 21.25
CA CYS B 39 -18.72 3.78 21.15
C CYS B 39 -19.72 3.01 20.29
N GLN B 40 -20.99 3.41 20.31
CA GLN B 40 -21.98 2.79 19.41
C GLN B 40 -21.60 3.03 17.95
N SER B 41 -21.15 4.25 17.62
CA SER B 41 -20.70 4.56 16.26
C SER B 41 -19.48 3.71 15.87
N VAL B 42 -18.55 3.56 16.80
CA VAL B 42 -17.36 2.72 16.56
C VAL B 42 -17.79 1.29 16.22
N TRP B 43 -18.65 0.72 17.05
CA TRP B 43 -19.18 -0.60 16.78
C TRP B 43 -19.88 -0.68 15.44
N ASP B 44 -20.72 0.31 15.11
CA ASP B 44 -21.43 0.31 13.83
C ASP B 44 -20.46 0.28 12.65
N ALA B 45 -19.38 1.06 12.75
CA ALA B 45 -18.34 1.10 11.72
C ALA B 45 -17.55 -0.22 11.64
N PHE B 46 -17.33 -0.83 12.81
CA PHE B 46 -16.59 -2.10 12.89
C PHE B 46 -17.44 -3.17 12.20
N LYS B 47 -18.72 -3.25 12.58
CA LYS B 47 -19.62 -4.23 11.97
C LYS B 47 -19.77 -3.95 10.47
N GLY B 48 -19.86 -2.67 10.11
CA GLY B 48 -19.95 -2.27 8.71
C GLY B 48 -18.83 -2.81 7.82
N ALA B 49 -17.65 -3.03 8.40
CA ALA B 49 -16.49 -3.46 7.64
C ALA B 49 -16.61 -4.88 7.11
N PHE B 50 -17.34 -5.74 7.83
CA PHE B 50 -17.39 -7.17 7.47
C PHE B 50 -18.77 -7.81 7.36
N ILE B 51 -19.82 -7.21 7.93
CA ILE B 51 -21.17 -7.78 7.81
C ILE B 51 -21.66 -7.70 6.37
N SER B 52 -22.36 -8.74 5.93
CA SER B 52 -22.93 -8.82 4.57
C SER B 52 -21.86 -8.80 3.48
N LYS B 53 -20.63 -9.18 3.85
CA LYS B 53 -19.51 -9.22 2.93
C LYS B 53 -18.89 -10.62 2.95
N HIS B 54 -18.32 -11.03 1.82
CA HIS B 54 -17.69 -12.34 1.76
C HIS B 54 -16.43 -12.28 2.58
N PRO B 55 -16.26 -13.25 3.52
CA PRO B 55 -15.13 -13.17 4.45
C PRO B 55 -13.78 -13.52 3.85
N CYS B 56 -13.74 -13.81 2.55
CA CYS B 56 -12.49 -13.91 1.81
C CYS B 56 -12.31 -12.76 0.84
N ASP B 57 -13.13 -11.72 0.95
CA ASP B 57 -13.01 -10.54 0.09
C ASP B 57 -13.12 -9.23 0.88
N ILE B 58 -12.43 -9.18 2.02
CA ILE B 58 -12.36 -7.96 2.82
C ILE B 58 -11.19 -7.13 2.32
N THR B 59 -11.35 -5.81 2.32
CA THR B 59 -10.33 -4.88 1.86
C THR B 59 -10.02 -3.88 2.95
N GLU B 60 -8.88 -3.21 2.83
CA GLU B 60 -8.52 -2.15 3.79
C GLU B 60 -9.57 -1.04 3.76
N GLU B 61 -10.08 -0.76 2.57
CA GLU B 61 -11.16 0.23 2.39
C GLU B 61 -12.37 -0.06 3.29
N ASP B 62 -12.72 -1.33 3.44
CA ASP B 62 -13.82 -1.75 4.31
C ASP B 62 -13.65 -1.26 5.76
N TYR B 63 -12.41 -1.13 6.20
CA TYR B 63 -12.15 -0.69 7.58
C TYR B 63 -11.95 0.82 7.72
N GLN B 64 -12.09 1.58 6.64
CA GLN B 64 -11.77 3.01 6.69
C GLN B 64 -12.68 3.84 7.62
N PRO B 65 -13.98 3.54 7.62
CA PRO B 65 -14.85 4.23 8.59
C PRO B 65 -14.46 3.97 10.06
N LEU B 66 -14.07 2.74 10.39
CA LEU B 66 -13.59 2.40 11.74
C LEU B 66 -12.28 3.11 12.05
N MET B 67 -11.36 3.15 11.09
CA MET B 67 -10.09 3.83 11.26
C MET B 67 -10.33 5.30 11.56
N LYS B 68 -11.24 5.91 10.82
CA LYS B 68 -11.56 7.33 11.02
C LYS B 68 -12.06 7.58 12.45
N LEU B 69 -12.97 6.75 12.92
CA LEU B 69 -13.54 6.92 14.26
C LEU B 69 -12.56 6.60 15.39
N GLY B 70 -11.59 5.73 15.10
CA GLY B 70 -10.56 5.33 16.07
C GLY B 70 -9.28 6.12 15.92
N THR B 71 -9.33 7.23 15.20
CA THR B 71 -8.19 8.14 15.07
C THR B 71 -7.67 8.51 16.45
N GLN B 72 -6.37 8.36 16.64
CA GLN B 72 -5.78 8.57 17.94
C GLN B 72 -4.33 9.00 17.76
N THR B 73 -3.97 10.09 18.43
CA THR B 73 -2.60 10.57 18.43
C THR B 73 -1.80 9.77 19.44
N VAL B 74 -0.81 9.03 18.96
CA VAL B 74 0.07 8.23 19.82
C VAL B 74 1.40 8.98 19.89
N PRO B 75 2.02 9.07 21.08
CA PRO B 75 3.33 9.73 21.13
C PRO B 75 4.29 9.02 20.17
N CYS B 76 4.70 9.69 19.11
CA CYS B 76 5.34 9.00 17.96
C CYS B 76 6.68 8.38 18.31
N ASN B 77 7.35 8.92 19.32
CA ASN B 77 8.68 8.46 19.71
C ASN B 77 8.69 7.37 20.75
N LYS B 78 7.51 6.87 21.11
CA LYS B 78 7.37 5.94 22.23
C LYS B 78 6.67 4.63 21.82
N ILE B 79 6.86 4.25 20.56
CA ILE B 79 6.20 3.10 19.98
C ILE B 79 7.04 1.85 20.19
N LEU B 80 6.41 0.79 20.69
CA LEU B 80 7.04 -0.52 20.81
C LEU B 80 6.32 -1.48 19.88
N LEU B 81 7.04 -1.93 18.86
CA LEU B 81 6.58 -3.01 18.00
C LEU B 81 7.08 -4.31 18.62
N TRP B 82 6.55 -5.43 18.17
CA TRP B 82 6.96 -6.72 18.71
C TRP B 82 6.64 -7.81 17.73
N SER B 83 7.31 -8.94 17.90
CA SER B 83 7.05 -10.10 17.05
C SER B 83 7.27 -11.36 17.87
N ARG B 84 6.23 -12.18 17.97
CA ARG B 84 6.30 -13.48 18.62
C ARG B 84 6.69 -13.43 20.10
N ILE B 85 6.38 -12.34 20.76
CA ILE B 85 6.75 -12.13 22.17
C ILE B 85 5.70 -11.21 22.80
N LYS B 86 4.44 -11.54 22.55
CA LYS B 86 3.31 -10.73 22.93
C LYS B 86 3.23 -10.44 24.43
N ASP B 87 3.36 -11.50 25.23
CA ASP B 87 3.13 -11.38 26.67
C ASP B 87 4.12 -10.41 27.30
N LEU B 88 5.41 -10.56 27.01
CA LEU B 88 6.42 -9.70 27.60
C LEU B 88 6.31 -8.25 27.11
N ALA B 89 6.04 -8.06 25.83
CA ALA B 89 5.85 -6.72 25.28
C ALA B 89 4.71 -5.99 26.00
N HIS B 90 3.61 -6.69 26.26
CA HIS B 90 2.50 -6.10 26.98
C HIS B 90 2.75 -5.91 28.45
N GLN B 91 3.42 -6.87 29.10
CA GLN B 91 3.82 -6.71 30.50
C GLN B 91 4.66 -5.46 30.65
N PHE B 92 5.52 -5.23 29.67
CA PHE B 92 6.41 -4.08 29.65
C PHE B 92 5.63 -2.75 29.63
N THR B 93 4.70 -2.59 28.69
CA THR B 93 3.98 -1.33 28.56
C THR B 93 2.89 -1.20 29.64
N GLN B 94 2.53 -2.29 30.29
CA GLN B 94 1.63 -2.20 31.44
C GLN B 94 2.32 -1.53 32.62
N VAL B 95 3.64 -1.69 32.70
CA VAL B 95 4.43 -1.07 33.76
C VAL B 95 5.06 0.22 33.25
N GLN B 96 5.68 0.15 32.08
CA GLN B 96 6.29 1.32 31.45
C GLN B 96 5.22 2.02 30.63
N ARG B 97 4.38 2.79 31.32
CA ARG B 97 3.15 3.28 30.69
C ARG B 97 3.32 4.45 29.73
N ASP B 98 4.56 4.89 29.52
CA ASP B 98 4.81 5.93 28.53
C ASP B 98 5.10 5.31 27.16
N MET B 99 5.31 4.00 27.09
CA MET B 99 5.54 3.33 25.82
C MET B 99 4.28 2.56 25.41
N PHE B 100 4.09 2.43 24.11
CA PHE B 100 2.82 1.95 23.57
C PHE B 100 3.02 0.91 22.52
N THR B 101 2.34 -0.22 22.69
CA THR B 101 2.18 -1.18 21.60
C THR B 101 0.87 -0.86 20.89
N LEU B 102 0.67 -1.52 19.76
CA LEU B 102 -0.55 -1.35 18.99
C LEU B 102 -1.78 -1.69 19.84
N GLU B 103 -1.64 -2.68 20.72
CA GLU B 103 -2.75 -3.17 21.51
C GLU B 103 -3.09 -2.22 22.67
N ASP B 104 -2.25 -1.19 22.84
CA ASP B 104 -2.49 -0.13 23.80
C ASP B 104 -3.26 1.05 23.19
N THR B 105 -3.48 1.01 21.89
CA THR B 105 -4.30 2.00 21.19
C THR B 105 -5.75 1.52 21.25
N LEU B 106 -6.69 2.43 21.01
CA LEU B 106 -8.10 2.06 21.07
C LEU B 106 -8.36 0.89 20.14
N LEU B 107 -7.99 1.03 18.88
CA LEU B 107 -8.36 -0.01 17.89
C LEU B 107 -7.72 -1.35 18.19
N GLY B 108 -6.45 -1.33 18.60
CA GLY B 108 -5.74 -2.55 18.96
C GLY B 108 -6.34 -3.20 20.20
N TYR B 109 -6.72 -2.37 21.14
CA TYR B 109 -7.37 -2.82 22.37
C TYR B 109 -8.72 -3.50 22.11
N LEU B 110 -9.53 -2.92 21.23
CA LEU B 110 -10.84 -3.47 20.89
C LEU B 110 -10.73 -4.88 20.34
N ALA B 111 -9.75 -5.09 19.45
CA ALA B 111 -9.65 -6.34 18.69
C ALA B 111 -8.74 -7.40 19.29
N ASP B 112 -7.90 -7.02 20.24
CA ASP B 112 -6.85 -7.91 20.75
C ASP B 112 -7.43 -9.25 21.17
N ASP B 113 -6.90 -10.33 20.60
CA ASP B 113 -7.27 -11.72 20.95
C ASP B 113 -8.66 -12.16 20.48
N LEU B 114 -9.33 -11.37 19.66
CA LEU B 114 -10.68 -11.69 19.20
C LEU B 114 -10.67 -12.18 17.75
N THR B 115 -11.73 -12.88 17.38
CA THR B 115 -11.93 -13.38 16.03
C THR B 115 -13.33 -12.98 15.61
N TRP B 116 -13.51 -12.63 14.34
CA TRP B 116 -14.82 -12.28 13.83
C TRP B 116 -14.89 -12.48 12.34
N CYS B 117 -16.08 -12.78 11.84
CA CYS B 117 -16.34 -12.80 10.40
C CYS B 117 -17.84 -12.80 10.13
N GLY B 118 -18.21 -12.43 8.91
CA GLY B 118 -19.61 -12.40 8.48
C GLY B 118 -19.82 -13.35 7.32
N GLU B 119 -20.88 -13.09 6.55
CA GLU B 119 -21.30 -13.96 5.47
C GLU B 119 -21.79 -13.09 4.32
N PHE B 120 -21.62 -13.56 3.08
CA PHE B 120 -21.94 -12.74 1.91
C PHE B 120 -23.46 -12.54 1.78
N ASP B 121 -24.20 -13.61 2.00
CA ASP B 121 -25.62 -13.66 1.67
C ASP B 121 -26.55 -12.94 2.65
N THR B 122 -26.14 -12.84 3.91
CA THR B 122 -26.96 -12.20 4.95
C THR B 122 -26.14 -11.29 5.84
N SER B 123 -26.81 -10.62 6.78
CA SER B 123 -26.12 -9.75 7.74
C SER B 123 -25.64 -10.48 8.99
N LYS B 124 -25.72 -11.80 9.00
CA LYS B 124 -25.35 -12.60 10.18
C LYS B 124 -23.84 -12.65 10.43
N ILE B 125 -23.49 -12.67 11.72
CA ILE B 125 -22.14 -12.97 12.18
C ILE B 125 -21.97 -14.48 12.26
N ASN B 126 -20.80 -14.97 11.83
CA ASN B 126 -20.52 -16.41 11.81
C ASN B 126 -19.81 -16.84 13.08
N TYR B 127 -20.54 -17.48 13.99
CA TYR B 127 -19.97 -17.98 15.24
C TYR B 127 -19.45 -19.42 15.18
N GLN B 128 -19.53 -20.08 14.02
CA GLN B 128 -19.06 -21.47 13.89
C GLN B 128 -17.59 -21.54 13.45
N SER B 129 -17.27 -20.84 12.38
CA SER B 129 -15.90 -20.84 11.86
C SER B 129 -15.62 -19.57 11.07
N CYS B 130 -14.33 -19.23 10.97
CA CYS B 130 -13.86 -18.11 10.16
C CYS B 130 -12.63 -18.51 9.34
N PRO B 131 -12.40 -17.83 8.22
CA PRO B 131 -11.28 -18.22 7.37
C PRO B 131 -9.93 -18.20 8.06
N ASP B 132 -9.16 -19.27 7.90
CA ASP B 132 -7.77 -19.30 8.31
C ASP B 132 -6.93 -18.63 7.22
N TRP B 133 -6.03 -17.74 7.63
CA TRP B 133 -5.16 -16.99 6.72
C TRP B 133 -4.39 -17.87 5.77
N ARG B 134 -3.92 -19.02 6.23
CA ARG B 134 -3.15 -19.91 5.38
C ARG B 134 -4.03 -20.96 4.70
N LYS B 135 -4.92 -21.59 5.46
CA LYS B 135 -5.73 -22.71 4.94
C LYS B 135 -6.92 -22.29 4.09
N ASP B 136 -7.36 -21.04 4.19
CA ASP B 136 -8.55 -20.61 3.46
C ASP B 136 -8.27 -19.41 2.56
N CYS B 137 -7.93 -18.28 3.16
CA CYS B 137 -7.73 -17.04 2.41
C CYS B 137 -7.14 -15.91 3.24
N SER B 138 -6.30 -15.09 2.61
CA SER B 138 -5.62 -14.01 3.29
C SER B 138 -6.50 -12.79 3.54
N ASN B 139 -7.46 -12.53 2.64
CA ASN B 139 -8.28 -11.30 2.74
C ASN B 139 -9.51 -11.49 3.61
N ASN B 140 -9.28 -11.93 4.84
CA ASN B 140 -10.34 -12.22 5.78
C ASN B 140 -10.46 -11.08 6.80
N PRO B 141 -11.62 -11.01 7.48
CA PRO B 141 -11.84 -9.83 8.36
C PRO B 141 -10.74 -9.57 9.39
N VAL B 142 -10.25 -10.61 10.05
CA VAL B 142 -9.25 -10.44 11.11
C VAL B 142 -7.90 -10.04 10.52
N SER B 143 -7.44 -10.79 9.52
CA SER B 143 -6.14 -10.52 8.91
C SER B 143 -6.07 -9.13 8.29
N VAL B 144 -7.14 -8.76 7.61
CA VAL B 144 -7.15 -7.47 6.92
C VAL B 144 -7.17 -6.33 7.95
N PHE B 145 -7.94 -6.52 9.02
CA PHE B 145 -7.94 -5.53 10.12
C PHE B 145 -6.53 -5.29 10.63
N TRP B 146 -5.83 -6.36 11.01
CA TRP B 146 -4.50 -6.20 11.60
C TRP B 146 -3.50 -5.61 10.65
N LYS B 147 -3.56 -5.98 9.38
CA LYS B 147 -2.68 -5.40 8.38
C LYS B 147 -2.92 -3.89 8.28
N THR B 148 -4.19 -3.48 8.25
CA THR B 148 -4.55 -2.09 8.08
C THR B 148 -4.08 -1.26 9.27
N VAL B 149 -4.43 -1.71 10.48
CA VAL B 149 -4.08 -0.95 11.68
C VAL B 149 -2.57 -0.96 11.96
N SER B 150 -1.90 -2.06 11.65
CA SER B 150 -0.46 -2.16 11.83
C SER B 150 0.27 -1.21 10.89
N ARG B 151 -0.21 -1.09 9.66
CA ARG B 151 0.40 -0.17 8.72
C ARG B 151 0.31 1.25 9.26
N ARG B 152 -0.89 1.62 9.70
CA ARG B 152 -1.15 2.96 10.19
C ARG B 152 -0.32 3.27 11.44
N PHE B 153 -0.19 2.28 12.31
CA PHE B 153 0.63 2.43 13.52
C PHE B 153 2.12 2.66 13.18
N ALA B 154 2.65 1.83 12.27
CA ALA B 154 4.03 1.98 11.81
C ALA B 154 4.24 3.35 11.16
N GLU B 155 3.26 3.80 10.38
CA GLU B 155 3.34 5.12 9.72
C GLU B 155 3.40 6.31 10.68
N ALA B 156 2.87 6.12 11.89
CA ALA B 156 2.83 7.16 12.92
C ALA B 156 4.13 7.31 13.68
N ALA B 157 5.01 6.33 13.59
CA ALA B 157 6.21 6.27 14.42
C ALA B 157 7.23 7.30 13.97
N CYS B 158 8.03 7.75 14.92
CA CYS B 158 9.09 8.70 14.63
C CYS B 158 10.25 8.45 15.57
N ASP B 159 11.35 9.14 15.31
CA ASP B 159 12.54 9.16 16.17
C ASP B 159 13.10 7.75 16.33
N VAL B 160 13.19 7.24 17.55
CA VAL B 160 13.62 5.87 17.75
C VAL B 160 12.38 5.02 17.97
N VAL B 161 12.23 4.02 17.11
CA VAL B 161 11.17 3.02 17.25
C VAL B 161 11.82 1.74 17.76
N HIS B 162 11.19 1.08 18.73
CA HIS B 162 11.75 -0.12 19.33
C HIS B 162 10.96 -1.32 18.90
N VAL B 163 11.63 -2.46 18.77
CA VAL B 163 10.94 -3.71 18.50
C VAL B 163 11.47 -4.80 19.40
N MET B 164 10.55 -5.48 20.09
CA MET B 164 10.91 -6.60 20.95
C MET B 164 10.79 -7.87 20.12
N LEU B 165 11.83 -8.69 20.16
CA LEU B 165 11.89 -9.93 19.39
C LEU B 165 12.26 -11.09 20.31
N ASP B 166 11.82 -12.27 19.92
CA ASP B 166 12.00 -13.46 20.72
C ASP B 166 13.27 -14.20 20.31
N GLY B 167 14.29 -14.06 21.15
CA GLY B 167 15.61 -14.64 20.90
C GLY B 167 15.69 -16.13 21.13
N SER B 168 14.61 -16.74 21.62
CA SER B 168 14.56 -18.21 21.76
C SER B 168 14.02 -18.90 20.50
N ARG B 169 13.53 -18.12 19.54
CA ARG B 169 12.94 -18.67 18.30
C ARG B 169 13.96 -18.94 17.20
N SER B 170 13.54 -19.74 16.21
CA SER B 170 14.41 -20.22 15.14
C SER B 170 14.72 -19.14 14.11
N LYS B 171 13.71 -18.33 13.79
CA LYS B 171 13.88 -17.09 13.05
C LYS B 171 13.54 -15.95 13.99
N ILE B 172 14.56 -15.34 14.59
CA ILE B 172 14.33 -14.25 15.54
C ILE B 172 13.64 -13.07 14.86
N PHE B 173 14.12 -12.72 13.67
CA PHE B 173 13.38 -11.87 12.77
C PHE B 173 12.79 -12.71 11.66
N ASP B 174 11.48 -12.63 11.48
CA ASP B 174 10.77 -13.39 10.48
C ASP B 174 10.17 -12.41 9.47
N LYS B 175 10.69 -12.43 8.26
CA LYS B 175 10.21 -11.51 7.22
C LYS B 175 8.72 -11.70 6.86
N ASP B 176 8.16 -12.88 7.17
CA ASP B 176 6.75 -13.19 6.89
C ASP B 176 5.77 -12.78 8.00
N SER B 177 6.28 -12.34 9.16
CA SER B 177 5.44 -11.86 10.26
C SER B 177 4.82 -10.51 9.90
N THR B 178 3.82 -10.09 10.67
CA THR B 178 3.26 -8.74 10.50
C THR B 178 4.33 -7.67 10.69
N PHE B 179 5.17 -7.82 11.71
CA PHE B 179 6.29 -6.91 11.88
C PHE B 179 7.15 -6.86 10.62
N GLY B 180 7.53 -8.03 10.12
CA GLY B 180 8.49 -8.13 9.01
C GLY B 180 7.90 -7.79 7.66
N SER B 181 6.62 -8.10 7.46
CA SER B 181 5.99 -7.94 6.15
C SER B 181 5.28 -6.61 5.97
N VAL B 182 4.82 -6.02 7.07
CA VAL B 182 4.02 -4.81 7.03
C VAL B 182 4.77 -3.69 7.74
N GLU B 183 5.08 -3.87 9.02
CA GLU B 183 5.56 -2.74 9.81
C GLU B 183 6.93 -2.19 9.37
N VAL B 184 7.90 -3.07 9.11
CA VAL B 184 9.24 -2.67 8.65
C VAL B 184 9.15 -1.80 7.41
N HIS B 185 8.18 -2.10 6.53
CA HIS B 185 8.07 -1.43 5.24
C HIS B 185 7.21 -0.18 5.25
N ASN B 186 6.61 0.12 6.39
CA ASN B 186 5.76 1.29 6.55
C ASN B 186 6.23 2.33 7.55
N LEU B 187 7.37 2.07 8.19
CA LEU B 187 8.07 3.11 8.95
C LEU B 187 8.49 4.16 7.93
N GLN B 188 8.37 5.43 8.30
CA GLN B 188 8.61 6.51 7.34
C GLN B 188 10.04 6.99 7.54
N PRO B 189 10.90 6.78 6.53
CA PRO B 189 12.30 7.18 6.69
C PRO B 189 12.50 8.69 6.94
N GLU B 190 11.53 9.51 6.52
CA GLU B 190 11.60 10.94 6.79
C GLU B 190 11.51 11.28 8.27
N LYS B 191 10.84 10.41 9.04
CA LYS B 191 10.50 10.63 10.47
C LYS B 191 11.31 9.73 11.43
N VAL B 192 11.61 8.51 11.00
CA VAL B 192 12.20 7.49 11.87
C VAL B 192 13.70 7.54 11.71
N GLN B 193 14.38 7.84 12.81
CA GLN B 193 15.82 7.88 12.82
C GLN B 193 16.41 6.47 12.93
N THR B 194 15.88 5.69 13.87
CA THR B 194 16.47 4.41 14.25
C THR B 194 15.40 3.40 14.58
N LEU B 195 15.58 2.15 14.14
CA LEU B 195 14.83 1.01 14.65
C LEU B 195 15.79 0.29 15.57
N GLU B 196 15.39 0.17 16.84
CA GLU B 196 16.21 -0.54 17.83
C GLU B 196 15.50 -1.82 18.24
N ALA B 197 16.16 -2.95 18.00
CA ALA B 197 15.66 -4.25 18.39
C ALA B 197 16.15 -4.61 19.78
N TRP B 198 15.23 -5.13 20.58
CA TRP B 198 15.53 -5.74 21.87
C TRP B 198 15.33 -7.21 21.71
N VAL B 199 16.41 -7.98 21.72
CA VAL B 199 16.31 -9.41 21.49
C VAL B 199 16.29 -10.10 22.84
N ILE B 200 15.14 -10.68 23.18
CA ILE B 200 14.90 -11.24 24.51
C ILE B 200 15.40 -12.68 24.54
N HIS B 201 16.39 -12.96 25.38
CA HIS B 201 16.92 -14.32 25.48
C HIS B 201 15.98 -15.25 26.17
N GLY B 202 16.13 -16.54 25.87
CA GLY B 202 15.43 -17.59 26.60
C GLY B 202 16.06 -17.69 27.98
N GLY B 203 15.39 -18.39 28.89
CA GLY B 203 15.81 -18.44 30.29
C GLY B 203 17.17 -19.08 30.55
N ARG B 204 17.60 -19.99 29.68
CA ARG B 204 18.80 -20.79 29.92
C ARG B 204 19.96 -20.51 28.97
N GLU B 205 20.00 -19.33 28.37
CA GLU B 205 21.11 -18.96 27.50
C GLU B 205 21.38 -17.47 27.57
N ASP B 206 22.41 -17.07 28.31
CA ASP B 206 22.63 -15.64 28.60
C ASP B 206 23.91 -15.04 28.00
N SER B 207 24.47 -15.69 26.99
CA SER B 207 25.81 -15.32 26.51
C SER B 207 25.92 -15.04 25.02
N ARG B 208 25.13 -15.72 24.21
CA ARG B 208 25.28 -15.59 22.76
C ARG B 208 24.87 -14.18 22.34
N ASP B 209 25.67 -13.53 21.50
CA ASP B 209 25.27 -12.22 20.99
C ASP B 209 24.31 -12.41 19.82
N LEU B 210 23.01 -12.36 20.11
CA LEU B 210 21.98 -12.62 19.11
C LEU B 210 21.80 -11.47 18.15
N CYS B 211 22.42 -10.33 18.43
CA CYS B 211 22.47 -9.24 17.46
C CYS B 211 23.33 -9.61 16.24
N GLN B 212 24.14 -10.68 16.32
CA GLN B 212 24.88 -11.19 15.17
C GLN B 212 24.15 -12.36 14.49
N ASP B 213 22.93 -12.67 14.94
CA ASP B 213 22.14 -13.74 14.31
C ASP B 213 21.85 -13.37 12.86
N PRO B 214 21.90 -14.36 11.94
CA PRO B 214 21.72 -14.05 10.52
C PRO B 214 20.42 -13.35 10.21
N THR B 215 19.32 -13.68 10.90
CA THR B 215 18.04 -12.99 10.64
C THR B 215 18.06 -11.55 11.14
N ILE B 216 18.78 -11.29 12.22
CA ILE B 216 18.96 -9.92 12.70
C ILE B 216 19.81 -9.12 11.71
N LYS B 217 20.86 -9.73 11.15
CA LYS B 217 21.67 -9.05 10.12
C LYS B 217 20.81 -8.76 8.87
N GLU B 218 19.87 -9.65 8.58
CA GLU B 218 18.91 -9.45 7.50
C GLU B 218 18.06 -8.22 7.77
N LEU B 219 17.48 -8.17 8.97
CA LEU B 219 16.70 -7.01 9.40
C LEU B 219 17.53 -5.75 9.30
N GLU B 220 18.75 -5.79 9.83
CA GLU B 220 19.65 -4.65 9.76
C GLU B 220 19.82 -4.17 8.32
N SER B 221 20.05 -5.10 7.40
CA SER B 221 20.27 -4.79 6.00
C SER B 221 19.02 -4.16 5.39
N ILE B 222 17.86 -4.74 5.67
CA ILE B 222 16.61 -4.20 5.12
C ILE B 222 16.39 -2.77 5.60
N ILE B 223 16.53 -2.55 6.90
CA ILE B 223 16.25 -1.24 7.52
C ILE B 223 17.25 -0.21 7.02
N SER B 224 18.53 -0.59 6.97
CA SER B 224 19.60 0.28 6.50
C SER B 224 19.33 0.76 5.08
N LYS B 225 18.86 -0.15 4.23
CA LYS B 225 18.57 0.17 2.83
C LYS B 225 17.31 1.03 2.67
N ARG B 226 16.56 1.22 3.75
CA ARG B 226 15.44 2.19 3.77
C ARG B 226 15.89 3.56 4.27
N ASN B 227 17.17 3.70 4.56
CA ASN B 227 17.76 4.93 5.12
C ASN B 227 17.31 5.19 6.56
N ILE B 228 17.18 4.11 7.33
CA ILE B 228 16.88 4.17 8.76
C ILE B 228 18.03 3.42 9.44
N GLN B 229 18.52 3.96 10.54
CA GLN B 229 19.60 3.32 11.27
C GLN B 229 19.08 2.12 12.04
N PHE B 230 19.93 1.12 12.26
CA PHE B 230 19.54 -0.05 13.03
C PHE B 230 20.44 -0.19 14.26
N SER B 231 19.81 -0.47 15.40
CA SER B 231 20.52 -0.69 16.65
C SER B 231 19.95 -1.98 17.22
N CYS B 232 20.76 -2.70 17.99
CA CYS B 232 20.31 -3.95 18.57
C CYS B 232 20.92 -4.16 19.95
N LYS B 233 20.09 -4.64 20.87
CA LYS B 233 20.54 -4.96 22.22
C LYS B 233 20.04 -6.34 22.58
N ASN B 234 20.90 -7.12 23.24
CA ASN B 234 20.46 -8.35 23.90
C ASN B 234 19.83 -8.00 25.25
N ILE B 235 18.72 -8.66 25.56
CA ILE B 235 18.24 -8.73 26.94
C ILE B 235 18.63 -10.14 27.35
N TYR B 236 19.84 -10.27 27.88
CA TYR B 236 20.47 -11.57 28.15
C TYR B 236 19.77 -12.34 29.24
N ARG B 237 19.26 -11.62 30.24
CA ARG B 237 18.60 -12.22 31.38
C ARG B 237 17.27 -11.48 31.60
N PRO B 238 16.17 -12.00 31.02
CA PRO B 238 14.87 -11.31 31.12
C PRO B 238 14.30 -11.09 32.53
N ASP B 239 14.68 -11.94 33.47
CA ASP B 239 14.25 -11.75 34.87
C ASP B 239 14.84 -10.47 35.46
N LYS B 240 16.09 -10.17 35.13
CA LYS B 240 16.74 -8.96 35.64
C LYS B 240 16.09 -7.75 34.94
N PHE B 241 15.88 -7.87 33.62
CA PHE B 241 15.16 -6.84 32.87
C PHE B 241 13.80 -6.52 33.50
N LEU B 242 13.04 -7.57 33.83
CA LEU B 242 11.70 -7.39 34.39
C LEU B 242 11.78 -6.79 35.79
N GLN B 243 12.74 -7.27 36.60
CA GLN B 243 13.02 -6.68 37.91
C GLN B 243 13.17 -5.16 37.78
N CYS B 244 13.96 -4.74 36.80
CA CYS B 244 14.34 -3.33 36.67
C CYS B 244 13.27 -2.44 36.03
N VAL B 245 12.47 -2.99 35.14
CA VAL B 245 11.36 -2.23 34.57
C VAL B 245 10.33 -1.98 35.69
N LYS B 246 10.04 -3.01 36.48
CA LYS B 246 9.06 -2.91 37.57
C LYS B 246 9.47 -1.95 38.70
N ASN B 247 10.77 -1.89 39.01
CA ASN B 247 11.31 -0.95 40.00
CA ASN B 247 11.31 -0.95 40.00
C ASN B 247 12.64 -0.36 39.50
N PRO B 248 12.58 0.71 38.68
CA PRO B 248 13.83 1.26 38.14
C PRO B 248 14.71 1.96 39.18
N GLU B 249 14.16 2.28 40.35
CA GLU B 249 14.97 2.79 41.44
C GLU B 249 15.69 1.66 42.20
N ASP B 250 15.44 0.41 41.81
CA ASP B 250 16.15 -0.75 42.37
C ASP B 250 17.64 -0.53 42.18
N SER B 251 18.38 -0.57 43.30
CA SER B 251 19.78 -0.19 43.29
C SER B 251 20.64 -1.10 42.41
N SER B 252 20.15 -2.31 42.12
CA SER B 252 20.86 -3.25 41.25
C SER B 252 20.70 -3.00 39.76
N CYS B 253 19.92 -1.98 39.39
CA CYS B 253 19.60 -1.68 38.00
C CYS B 253 20.35 -0.47 37.46
#